data_3B5E
#
_entry.id   3B5E
#
_cell.length_a   47.160
_cell.length_b   105.000
_cell.length_c   123.620
_cell.angle_alpha   90.000
_cell.angle_beta   90.000
_cell.angle_gamma   90.000
#
_symmetry.space_group_name_H-M   'P 21 21 21'
#
loop_
_entity.id
_entity.type
_entity.pdbx_description
1 polymer 'Mll8374 protein'
2 non-polymer 'SULFATE ION'
3 non-polymer 1,2-ETHANEDIOL
4 water water
#
_entity_poly.entity_id   1
_entity_poly.type   'polypeptide(L)'
_entity_poly.pdbx_seq_one_letter_code
;G(MSE)IGDGIENSPLLTDLAFPYRLLGAGKESRECLFLLHGSGVDETTLVPLARRIAPTATLVAARGRIPQEDGFRWFE
RIDPTRFEQKSILAETAAFAAFTNEAAKRHGLNLDHATFLGYSNGANLVSSL(MSE)LLHPGIVRLAALLRP(MSE)PVL
DHVPATDLAGIRTLIIAGAADETYGPFVPALVTLLSRHGAEVDARIIPSGHDIGDPDAAIVRQWLAGPIAIAQAD
;
_entity_poly.pdbx_strand_id   A,B
#
# COMPACT_ATOMS: atom_id res chain seq x y z
N GLU A 8 8.36 39.26 3.44
N GLU A 8 8.19 39.15 3.49
CA GLU A 8 8.44 37.81 3.03
CA GLU A 8 8.47 37.73 3.05
C GLU A 8 8.82 37.74 1.55
C GLU A 8 8.82 37.74 1.58
N ASN A 9 9.94 37.08 1.26
CA ASN A 9 10.43 37.01 -0.10
C ASN A 9 9.69 36.01 -0.94
N SER A 10 9.13 34.98 -0.30
CA SER A 10 8.41 33.92 -1.01
C SER A 10 7.04 33.60 -0.42
N PRO A 11 6.11 34.55 -0.49
CA PRO A 11 4.76 34.30 -0.02
C PRO A 11 4.09 33.23 -0.88
N LEU A 12 3.01 32.63 -0.38
CA LEU A 12 2.18 31.72 -1.17
C LEU A 12 1.43 32.52 -2.25
N LEU A 13 1.70 32.16 -3.50
CA LEU A 13 1.10 32.79 -4.66
C LEU A 13 -0.07 31.92 -5.09
N THR A 14 -1.22 32.54 -5.32
CA THR A 14 -2.45 31.78 -5.45
C THR A 14 -3.27 32.06 -6.71
N ASP A 15 -2.73 32.80 -7.68
CA ASP A 15 -3.50 33.08 -8.88
C ASP A 15 -3.31 32.11 -10.05
N LEU A 16 -2.42 31.12 -9.91
CA LEU A 16 -2.33 30.04 -10.90
C LEU A 16 -3.11 28.83 -10.39
N ALA A 17 -3.13 27.74 -11.15
CA ALA A 17 -3.99 26.59 -10.85
C ALA A 17 -3.64 25.91 -9.53
N PHE A 18 -2.37 25.94 -9.14
CA PHE A 18 -1.88 25.37 -7.88
C PHE A 18 -1.25 26.46 -7.05
N PRO A 19 -1.49 26.49 -5.73
CA PRO A 19 -0.73 27.45 -4.95
C PRO A 19 0.77 27.07 -4.92
N TYR A 20 1.63 28.07 -4.86
CA TYR A 20 3.08 27.84 -4.85
C TYR A 20 3.86 28.99 -4.27
N ARG A 21 5.07 28.67 -3.82
CA ARG A 21 6.05 29.67 -3.43
C ARG A 21 7.22 29.56 -4.41
N LEU A 22 7.83 30.72 -4.69
CA LEU A 22 8.97 30.83 -5.59
C LEU A 22 10.18 31.29 -4.80
N LEU A 23 11.15 30.40 -4.64
CA LEU A 23 12.38 30.68 -3.89
C LEU A 23 13.65 30.69 -4.76
N GLY A 24 14.60 31.55 -4.40
CA GLY A 24 15.91 31.59 -5.06
C GLY A 24 15.93 32.15 -6.47
N ALA A 25 14.83 32.76 -6.90
CA ALA A 25 14.72 33.26 -8.29
C ALA A 25 15.70 34.36 -8.66
N GLY A 26 16.29 35.05 -7.68
CA GLY A 26 17.35 36.01 -7.94
C GLY A 26 18.78 35.53 -7.82
N LYS A 27 18.95 34.23 -7.53
CA LYS A 27 20.26 33.64 -7.36
C LYS A 27 20.80 33.17 -8.71
N GLU A 28 22.08 32.84 -8.74
CA GLU A 28 22.82 32.77 -10.00
C GLU A 28 22.44 31.55 -10.93
N SER A 29 22.03 30.44 -10.38
CA SER A 29 21.80 29.25 -11.21
C SER A 29 20.61 29.37 -12.17
N ARG A 30 20.80 28.85 -13.38
CA ARG A 30 19.73 28.68 -14.35
C ARG A 30 18.86 27.46 -14.08
N GLU A 31 19.26 26.64 -13.11
CA GLU A 31 18.56 25.43 -12.79
C GLU A 31 17.36 25.75 -11.92
N CYS A 32 16.31 24.94 -12.12
N CYS A 32 16.26 25.02 -12.15
CA CYS A 32 15.08 25.02 -11.39
CA CYS A 32 15.08 25.09 -11.31
C CYS A 32 14.77 23.65 -10.80
C CYS A 32 14.58 23.70 -10.89
N LEU A 33 14.10 23.62 -9.66
CA LEU A 33 13.48 22.42 -9.11
C LEU A 33 12.02 22.71 -8.81
N PHE A 34 11.14 21.88 -9.36
CA PHE A 34 9.75 21.79 -8.94
C PHE A 34 9.68 20.76 -7.82
N LEU A 35 9.10 21.17 -6.69
CA LEU A 35 9.01 20.36 -5.48
C LEU A 35 7.55 19.98 -5.23
N LEU A 36 7.29 18.67 -5.06
CA LEU A 36 5.97 18.14 -4.75
C LEU A 36 6.02 17.28 -3.49
N HIS A 37 5.46 17.86 -2.43
CA HIS A 37 5.42 17.31 -1.09
C HIS A 37 4.67 15.98 -0.93
N GLY A 38 4.92 15.30 0.19
CA GLY A 38 4.15 14.14 0.59
C GLY A 38 2.76 14.52 1.06
N SER A 39 1.90 13.51 1.14
CA SER A 39 0.51 13.72 1.56
C SER A 39 0.43 14.14 3.03
N GLY A 40 -0.52 15.02 3.33
CA GLY A 40 -0.77 15.45 4.69
C GLY A 40 0.05 16.61 5.18
N VAL A 41 0.90 17.18 4.32
CA VAL A 41 1.77 18.31 4.68
C VAL A 41 1.63 19.39 3.58
N ASP A 42 2.49 20.40 3.59
CA ASP A 42 2.38 21.47 2.60
C ASP A 42 3.69 21.73 1.83
N GLU A 43 3.65 22.77 1.02
CA GLU A 43 4.72 23.12 0.11
C GLU A 43 6.02 23.59 0.77
N THR A 44 6.00 23.87 2.06
CA THR A 44 7.22 24.29 2.75
C THR A 44 8.15 23.10 3.09
N THR A 45 7.62 21.89 3.02
CA THR A 45 8.26 20.72 3.63
C THR A 45 9.50 20.19 2.91
N LEU A 46 9.59 20.36 1.59
CA LEU A 46 10.75 19.89 0.84
C LEU A 46 11.79 20.99 0.61
N VAL A 47 11.52 22.21 1.09
CA VAL A 47 12.41 23.34 0.84
C VAL A 47 13.81 23.13 1.51
N PRO A 48 13.85 22.72 2.77
CA PRO A 48 15.17 22.40 3.36
C PRO A 48 15.97 21.34 2.59
N LEU A 49 15.34 20.26 2.16
CA LEU A 49 16.04 19.26 1.35
C LEU A 49 16.54 19.86 0.02
N ALA A 50 15.65 20.59 -0.64
CA ALA A 50 15.96 21.24 -1.92
C ALA A 50 17.17 22.15 -1.84
N ARG A 51 17.25 22.91 -0.74
N ARG A 51 17.22 22.94 -0.77
CA ARG A 51 18.38 23.82 -0.52
CA ARG A 51 18.28 23.92 -0.58
C ARG A 51 19.69 23.08 -0.30
C ARG A 51 19.63 23.27 -0.40
N ARG A 52 19.63 21.94 0.39
N ARG A 52 19.64 22.11 0.27
CA ARG A 52 20.81 21.09 0.54
CA ARG A 52 20.86 21.35 0.43
C ARG A 52 21.25 20.59 -0.84
C ARG A 52 21.27 20.59 -0.86
N ILE A 53 20.29 20.21 -1.68
CA ILE A 53 20.58 19.68 -3.02
C ILE A 53 21.16 20.74 -3.96
N ALA A 54 20.52 21.90 -4.00
CA ALA A 54 20.85 22.94 -4.99
C ALA A 54 20.60 24.31 -4.36
N PRO A 55 21.55 24.78 -3.54
CA PRO A 55 21.29 26.02 -2.78
C PRO A 55 21.00 27.31 -3.57
N THR A 56 21.28 27.32 -4.87
CA THR A 56 21.09 28.51 -5.69
C THR A 56 20.09 28.29 -6.83
N ALA A 57 19.47 27.11 -6.88
CA ALA A 57 18.40 26.85 -7.82
C ALA A 57 17.14 27.64 -7.48
N THR A 58 16.41 28.00 -8.53
CA THR A 58 15.05 28.48 -8.38
C THR A 58 14.18 27.29 -7.99
N LEU A 59 13.44 27.46 -6.90
CA LEU A 59 12.54 26.46 -6.39
C LEU A 59 11.10 26.90 -6.63
N VAL A 60 10.32 26.03 -7.26
CA VAL A 60 8.84 26.14 -7.31
C VAL A 60 8.30 25.13 -6.32
N ALA A 61 7.93 25.62 -5.15
CA ALA A 61 7.40 24.77 -4.09
C ALA A 61 5.87 24.82 -4.20
N ALA A 62 5.32 23.80 -4.86
CA ALA A 62 3.90 23.72 -5.20
C ALA A 62 3.09 23.01 -4.12
N ARG A 63 1.83 23.39 -4.02
CA ARG A 63 0.89 22.79 -3.03
C ARG A 63 -0.20 21.99 -3.72
N GLY A 64 -0.45 20.79 -3.22
CA GLY A 64 -1.57 19.97 -3.67
C GLY A 64 -2.93 20.64 -3.47
N ARG A 65 -3.90 20.27 -4.29
CA ARG A 65 -5.19 20.94 -4.28
C ARG A 65 -6.25 20.27 -3.42
N ILE A 66 -5.91 19.12 -2.84
CA ILE A 66 -6.84 18.36 -2.02
C ILE A 66 -6.41 18.44 -0.56
N PRO A 67 -7.27 18.96 0.33
CA PRO A 67 -6.95 18.97 1.75
C PRO A 67 -6.82 17.57 2.34
N GLN A 68 -5.88 17.43 3.25
CA GLN A 68 -5.73 16.22 4.04
C GLN A 68 -5.27 16.67 5.42
N GLU A 69 -6.20 16.64 6.36
N GLU A 69 -6.21 16.63 6.35
CA GLU A 69 -5.95 17.09 7.71
CA GLU A 69 -6.07 17.20 7.68
C GLU A 69 -5.43 18.53 7.66
C GLU A 69 -5.43 18.58 7.62
N ASP A 70 -4.26 18.78 8.23
CA ASP A 70 -3.67 20.14 8.25
C ASP A 70 -2.83 20.45 7.02
N GLY A 71 -2.71 19.49 6.11
CA GLY A 71 -1.95 19.68 4.89
C GLY A 71 -2.78 19.33 3.68
N PHE A 72 -2.10 18.75 2.68
CA PHE A 72 -2.63 18.60 1.34
C PHE A 72 -2.10 17.31 0.70
N ARG A 73 -2.77 16.93 -0.38
CA ARG A 73 -2.35 15.83 -1.21
C ARG A 73 -2.65 16.15 -2.66
N TRP A 74 -2.09 15.33 -3.54
CA TRP A 74 -2.04 15.59 -4.99
C TRP A 74 -3.20 14.96 -5.78
N PHE A 75 -3.74 13.88 -5.25
CA PHE A 75 -4.90 13.21 -5.86
C PHE A 75 -5.56 12.32 -4.83
N GLU A 76 -6.81 11.98 -5.06
CA GLU A 76 -7.60 11.27 -4.06
C GLU A 76 -7.14 9.84 -3.89
N ARG A 77 -7.17 9.38 -2.65
CA ARG A 77 -6.89 8.01 -2.32
C ARG A 77 -8.17 7.24 -1.96
N ILE A 78 -8.28 6.00 -2.45
CA ILE A 78 -9.38 5.13 -2.10
C ILE A 78 -9.07 4.39 -0.77
N ASP A 79 -7.89 3.79 -0.71
CA ASP A 79 -7.40 3.05 0.46
C ASP A 79 -5.89 3.10 0.26
N PRO A 80 -5.09 2.89 1.33
CA PRO A 80 -3.64 2.77 1.06
C PRO A 80 -3.31 1.82 -0.10
N THR A 81 -2.43 2.34 -0.94
CA THR A 81 -1.95 1.75 -2.21
C THR A 81 -2.93 1.86 -3.39
N ARG A 82 -4.15 2.34 -3.17
CA ARG A 82 -5.14 2.44 -4.24
C ARG A 82 -5.74 3.84 -4.38
N PHE A 83 -5.64 4.39 -5.58
CA PHE A 83 -5.92 5.78 -5.80
C PHE A 83 -7.00 5.96 -6.84
N GLU A 84 -7.74 7.06 -6.74
N GLU A 84 -7.75 7.04 -6.72
CA GLU A 84 -8.83 7.35 -7.65
CA GLU A 84 -8.83 7.31 -7.66
C GLU A 84 -8.24 7.76 -9.00
C GLU A 84 -8.21 7.72 -8.98
N GLN A 85 -8.51 6.97 -10.03
CA GLN A 85 -7.84 7.13 -11.29
C GLN A 85 -8.28 8.41 -11.98
N LYS A 86 -9.57 8.74 -11.89
CA LYS A 86 -10.11 10.00 -12.41
C LYS A 86 -9.44 11.23 -11.77
N SER A 87 -9.13 11.12 -10.47
CA SER A 87 -8.40 12.14 -9.75
C SER A 87 -6.95 12.30 -10.20
N ILE A 88 -6.24 11.19 -10.41
CA ILE A 88 -4.88 11.25 -10.93
C ILE A 88 -4.88 11.96 -12.28
N LEU A 89 -5.81 11.56 -13.14
CA LEU A 89 -5.87 12.13 -14.48
C LEU A 89 -6.14 13.66 -14.44
N ALA A 90 -7.09 14.09 -13.60
CA ALA A 90 -7.51 15.48 -13.55
C ALA A 90 -6.40 16.35 -12.99
N GLU A 91 -5.81 15.90 -11.89
CA GLU A 91 -4.78 16.67 -11.19
C GLU A 91 -3.48 16.72 -11.95
N THR A 92 -3.15 15.62 -12.63
N THR A 92 -3.13 15.62 -12.63
CA THR A 92 -1.96 15.58 -13.46
CA THR A 92 -1.95 15.62 -13.50
C THR A 92 -2.13 16.52 -14.67
C THR A 92 -2.14 16.59 -14.67
N ALA A 93 -3.32 16.56 -15.27
CA ALA A 93 -3.64 17.49 -16.37
C ALA A 93 -3.54 18.93 -15.91
N ALA A 94 -4.12 19.21 -14.74
CA ALA A 94 -4.05 20.54 -14.16
C ALA A 94 -2.61 20.93 -13.89
N PHE A 95 -1.81 20.01 -13.34
CA PHE A 95 -0.42 20.33 -13.02
C PHE A 95 0.47 20.58 -14.25
N ALA A 96 0.22 19.81 -15.31
CA ALA A 96 0.89 19.97 -16.59
C ALA A 96 0.70 21.40 -17.10
N ALA A 97 -0.56 21.84 -17.12
CA ALA A 97 -0.92 23.21 -17.52
C ALA A 97 -0.22 24.24 -16.62
N PHE A 98 -0.26 23.99 -15.31
CA PHE A 98 0.41 24.83 -14.32
C PHE A 98 1.91 24.99 -14.56
N THR A 99 2.59 23.89 -14.91
N THR A 99 2.58 23.89 -14.91
CA THR A 99 4.05 23.95 -15.14
CA THR A 99 4.01 23.92 -15.10
C THR A 99 4.34 24.95 -16.22
C THR A 99 4.38 24.88 -16.24
N ASN A 100 3.57 24.89 -17.29
CA ASN A 100 3.74 25.79 -18.40
C ASN A 100 3.46 27.27 -18.03
N GLU A 101 2.35 27.49 -17.30
N GLU A 101 2.39 27.51 -17.28
CA GLU A 101 1.99 28.81 -16.76
CA GLU A 101 2.06 28.88 -16.86
C GLU A 101 3.13 29.35 -15.92
C GLU A 101 3.07 29.42 -15.84
N ALA A 102 3.53 28.56 -14.91
CA ALA A 102 4.60 28.96 -13.99
C ALA A 102 5.91 29.23 -14.74
N ALA A 103 6.25 28.38 -15.71
CA ALA A 103 7.48 28.60 -16.51
C ALA A 103 7.44 29.91 -17.32
N LYS A 104 6.31 30.19 -17.94
CA LYS A 104 6.14 31.42 -18.71
C LYS A 104 6.25 32.66 -17.78
N ARG A 105 5.56 32.58 -16.64
CA ARG A 105 5.49 33.70 -15.74
C ARG A 105 6.87 34.09 -15.16
N HIS A 106 7.69 33.10 -14.84
CA HIS A 106 8.95 33.32 -14.13
C HIS A 106 10.20 33.06 -14.98
N GLY A 107 10.01 32.82 -16.27
CA GLY A 107 11.12 32.55 -17.18
C GLY A 107 11.86 31.25 -16.84
N LEU A 108 11.14 30.23 -16.42
CA LEU A 108 11.78 28.97 -16.05
C LEU A 108 12.18 28.22 -17.29
N ASN A 109 13.39 27.68 -17.29
CA ASN A 109 13.88 26.89 -18.41
C ASN A 109 13.59 25.43 -18.13
N LEU A 110 12.57 24.88 -18.77
CA LEU A 110 12.20 23.49 -18.50
C LEU A 110 13.25 22.49 -19.06
N ASP A 111 14.16 22.96 -19.92
CA ASP A 111 15.35 22.19 -20.31
C ASP A 111 16.43 22.20 -19.23
N HIS A 112 16.14 22.85 -18.10
CA HIS A 112 17.06 22.89 -16.97
C HIS A 112 16.31 22.62 -15.67
N ALA A 113 15.19 21.92 -15.75
CA ALA A 113 14.32 21.74 -14.60
C ALA A 113 14.32 20.27 -14.18
N THR A 114 14.25 20.03 -12.87
CA THR A 114 14.07 18.71 -12.26
C THR A 114 12.80 18.74 -11.47
N PHE A 115 12.04 17.66 -11.58
CA PHE A 115 10.82 17.47 -10.82
C PHE A 115 11.17 16.53 -9.65
N LEU A 116 11.11 17.06 -8.44
N LEU A 116 11.16 17.06 -8.44
CA LEU A 116 11.45 16.33 -7.20
CA LEU A 116 11.43 16.29 -7.23
C LEU A 116 10.19 16.13 -6.35
C LEU A 116 10.13 16.13 -6.47
N GLY A 117 9.73 14.87 -6.24
CA GLY A 117 8.55 14.51 -5.48
C GLY A 117 8.88 13.54 -4.37
N TYR A 118 8.13 13.67 -3.30
CA TYR A 118 8.16 12.72 -2.19
C TYR A 118 6.83 12.01 -2.04
N SER A 119 6.90 10.68 -2.17
CA SER A 119 5.79 9.79 -1.90
C SER A 119 4.59 10.14 -2.83
N ASN A 120 3.44 10.54 -2.28
CA ASN A 120 2.32 10.99 -3.11
C ASN A 120 2.77 12.02 -4.17
N GLY A 121 3.65 12.95 -3.79
CA GLY A 121 4.19 13.91 -4.76
C GLY A 121 5.03 13.29 -5.87
N ALA A 122 5.81 12.27 -5.52
CA ALA A 122 6.60 11.47 -6.50
C ALA A 122 5.64 10.79 -7.46
N ASN A 123 4.49 10.36 -6.96
CA ASN A 123 3.55 9.61 -7.79
C ASN A 123 2.76 10.52 -8.72
N LEU A 124 2.59 11.79 -8.34
CA LEU A 124 2.14 12.82 -9.27
C LEU A 124 3.17 13.00 -10.38
N VAL A 125 4.45 13.15 -10.03
CA VAL A 125 5.51 13.32 -11.05
C VAL A 125 5.57 12.15 -12.05
N SER A 126 5.56 10.90 -11.56
CA SER A 126 5.64 9.75 -12.48
C SER A 126 4.40 9.70 -13.37
N SER A 127 3.24 10.00 -12.80
CA SER A 127 2.00 10.07 -13.60
C SER A 127 2.05 11.15 -14.68
N LEU A 128 2.64 12.29 -14.32
CA LEU A 128 2.83 13.40 -15.24
C LEU A 128 3.66 12.94 -16.42
N LEU A 130 4.00 9.95 -17.65
CA LEU A 130 3.32 8.94 -18.46
C LEU A 130 2.11 9.48 -19.18
N LEU A 131 1.46 10.46 -18.59
CA LEU A 131 0.23 11.00 -19.13
C LEU A 131 0.43 12.29 -19.97
N HIS A 132 1.50 13.04 -19.72
CA HIS A 132 1.73 14.34 -20.36
C HIS A 132 3.16 14.46 -20.77
N PRO A 133 3.55 13.70 -21.80
CA PRO A 133 4.92 13.73 -22.24
C PRO A 133 5.32 15.09 -22.84
N GLY A 134 6.62 15.38 -22.76
CA GLY A 134 7.15 16.59 -23.28
C GLY A 134 7.34 17.68 -22.25
N ILE A 135 7.05 17.40 -20.99
CA ILE A 135 7.22 18.37 -19.91
C ILE A 135 8.44 18.04 -19.04
N VAL A 136 8.46 16.82 -18.51
CA VAL A 136 9.52 16.35 -17.63
C VAL A 136 10.72 15.83 -18.42
N ARG A 137 11.92 16.33 -18.08
CA ARG A 137 13.20 15.81 -18.60
C ARG A 137 14.03 15.10 -17.52
N LEU A 138 13.83 15.49 -16.26
CA LEU A 138 14.60 15.00 -15.11
C LEU A 138 13.63 14.87 -13.95
N ALA A 139 13.58 13.68 -13.33
CA ALA A 139 12.69 13.44 -12.21
C ALA A 139 13.45 12.73 -11.10
N ALA A 140 13.22 13.16 -9.87
CA ALA A 140 13.78 12.53 -8.67
C ALA A 140 12.58 12.12 -7.83
N LEU A 141 12.42 10.80 -7.67
CA LEU A 141 11.24 10.21 -7.09
C LEU A 141 11.63 9.55 -5.77
N LEU A 142 11.21 10.14 -4.66
CA LEU A 142 11.61 9.67 -3.33
C LEU A 142 10.45 8.85 -2.76
N ARG A 143 10.72 7.58 -2.48
CA ARG A 143 9.73 6.61 -1.96
C ARG A 143 8.44 6.50 -2.82
N PRO A 144 8.58 6.28 -4.15
CA PRO A 144 7.44 6.21 -5.04
C PRO A 144 6.87 4.79 -5.16
N PRO A 146 3.97 2.54 -8.19
CA PRO A 146 3.01 2.67 -9.29
C PRO A 146 1.62 2.98 -8.74
N VAL A 147 0.93 3.89 -9.42
CA VAL A 147 -0.41 4.37 -9.02
C VAL A 147 -1.46 4.33 -10.13
N LEU A 148 -1.02 4.23 -11.39
CA LEU A 148 -1.90 4.26 -12.54
C LEU A 148 -2.28 2.84 -12.88
N ASP A 149 -3.56 2.60 -13.05
CA ASP A 149 -4.01 1.27 -13.44
C ASP A 149 -3.79 1.00 -14.93
N HIS A 150 -4.01 1.99 -15.77
CA HIS A 150 -3.79 1.84 -17.20
C HIS A 150 -2.79 2.92 -17.61
N VAL A 151 -1.70 2.48 -18.24
CA VAL A 151 -0.62 3.36 -18.63
C VAL A 151 -0.67 3.46 -20.13
N PRO A 152 -0.65 4.67 -20.67
CA PRO A 152 -0.57 4.76 -22.12
C PRO A 152 0.81 4.35 -22.61
N ALA A 153 0.94 4.14 -23.93
CA ALA A 153 2.20 3.68 -24.54
C ALA A 153 3.12 4.86 -24.72
N THR A 154 3.42 5.55 -23.63
CA THR A 154 4.20 6.78 -23.69
C THR A 154 5.68 6.47 -23.82
N ASP A 155 6.35 7.19 -24.71
CA ASP A 155 7.77 7.00 -24.94
C ASP A 155 8.53 7.98 -24.06
N LEU A 156 9.26 7.46 -23.08
CA LEU A 156 10.00 8.29 -22.12
C LEU A 156 11.48 8.38 -22.50
N ALA A 157 11.81 7.99 -23.74
CA ALA A 157 13.18 8.01 -24.20
C ALA A 157 13.76 9.38 -23.91
N GLY A 158 14.95 9.41 -23.35
CA GLY A 158 15.63 10.64 -23.07
C GLY A 158 15.40 11.19 -21.68
N ILE A 159 14.41 10.67 -20.95
CA ILE A 159 14.17 11.13 -19.58
C ILE A 159 15.07 10.36 -18.60
N ARG A 160 15.77 11.09 -17.74
CA ARG A 160 16.47 10.48 -16.64
C ARG A 160 15.62 10.58 -15.38
N THR A 161 15.42 9.42 -14.75
N THR A 161 15.38 9.43 -14.75
CA THR A 161 14.66 9.31 -13.54
CA THR A 161 14.59 9.34 -13.52
C THR A 161 15.53 8.69 -12.45
C THR A 161 15.36 8.62 -12.40
N LEU A 162 15.58 9.34 -11.29
CA LEU A 162 16.19 8.80 -10.11
C LEU A 162 15.04 8.33 -9.19
N ILE A 163 15.19 7.13 -8.61
CA ILE A 163 14.28 6.56 -7.62
C ILE A 163 15.08 6.26 -6.36
N ILE A 164 14.61 6.72 -5.20
CA ILE A 164 15.23 6.31 -3.94
C ILE A 164 14.23 5.63 -3.05
N ALA A 165 14.45 4.33 -2.85
CA ALA A 165 13.63 3.45 -2.03
C ALA A 165 14.26 3.34 -0.67
N GLY A 166 13.42 3.11 0.33
CA GLY A 166 13.94 2.88 1.65
C GLY A 166 13.92 1.40 2.00
N ALA A 167 15.06 0.85 2.43
CA ALA A 167 15.16 -0.59 2.83
C ALA A 167 14.22 -0.91 3.99
N ALA A 168 14.02 0.07 4.85
CA ALA A 168 13.22 -0.07 6.07
C ALA A 168 11.78 0.39 5.83
N ASP A 169 11.45 0.74 4.57
CA ASP A 169 10.10 1.18 4.18
C ASP A 169 9.29 -0.08 3.98
N GLU A 170 8.75 -0.60 5.07
CA GLU A 170 8.09 -1.89 5.11
C GLU A 170 6.83 -1.94 4.22
N THR A 171 6.08 -0.85 4.23
CA THR A 171 4.80 -0.78 3.54
C THR A 171 4.98 -0.62 2.03
N TYR A 172 5.86 0.29 1.63
CA TYR A 172 5.95 0.71 0.22
C TYR A 172 7.17 0.22 -0.55
N GLY A 173 8.22 -0.19 0.16
CA GLY A 173 9.41 -0.78 -0.46
C GLY A 173 9.19 -1.86 -1.53
N PRO A 174 8.28 -2.83 -1.28
CA PRO A 174 8.00 -3.88 -2.25
C PRO A 174 7.48 -3.51 -3.66
N PHE A 175 6.99 -2.28 -3.84
CA PHE A 175 6.42 -1.86 -5.09
C PHE A 175 7.45 -1.18 -5.97
N VAL A 176 8.66 -0.93 -5.45
CA VAL A 176 9.67 -0.24 -6.24
C VAL A 176 10.17 -1.01 -7.49
N PRO A 177 10.47 -2.34 -7.38
CA PRO A 177 10.85 -3.05 -8.60
C PRO A 177 9.85 -2.87 -9.76
N ALA A 178 8.55 -2.92 -9.47
CA ALA A 178 7.53 -2.77 -10.53
C ALA A 178 7.65 -1.40 -11.22
N LEU A 179 7.93 -0.35 -10.44
CA LEU A 179 8.07 1.00 -11.00
C LEU A 179 9.31 1.08 -11.88
N VAL A 180 10.42 0.49 -11.41
CA VAL A 180 11.66 0.44 -12.21
C VAL A 180 11.44 -0.24 -13.57
N THR A 181 10.77 -1.38 -13.54
CA THR A 181 10.43 -2.13 -14.73
C THR A 181 9.56 -1.28 -15.66
N LEU A 182 8.53 -0.67 -15.10
CA LEU A 182 7.59 0.14 -15.88
C LEU A 182 8.29 1.30 -16.61
N LEU A 183 9.06 2.10 -15.86
CA LEU A 183 9.67 3.30 -16.43
C LEU A 183 10.76 2.90 -17.45
N SER A 184 11.52 1.87 -17.11
N SER A 184 11.53 1.87 -17.13
CA SER A 184 12.53 1.29 -18.01
CA SER A 184 12.53 1.34 -18.05
C SER A 184 11.89 0.84 -19.32
C SER A 184 11.92 0.79 -19.34
N ARG A 185 10.82 0.05 -19.22
CA ARG A 185 10.14 -0.46 -20.40
C ARG A 185 9.65 0.67 -21.31
N HIS A 186 9.29 1.81 -20.74
CA HIS A 186 8.81 2.93 -21.52
C HIS A 186 9.93 3.80 -22.06
N GLY A 187 11.15 3.45 -21.69
CA GLY A 187 12.33 4.04 -22.29
C GLY A 187 13.06 5.06 -21.44
N ALA A 188 12.63 5.26 -20.19
CA ALA A 188 13.34 6.16 -19.28
C ALA A 188 14.70 5.56 -18.90
N GLU A 189 15.66 6.43 -18.65
CA GLU A 189 16.94 6.02 -18.07
C GLU A 189 16.81 6.08 -16.55
N VAL A 190 16.69 4.91 -15.94
CA VAL A 190 16.37 4.82 -14.51
C VAL A 190 17.65 4.61 -13.71
N ASP A 191 17.80 5.37 -12.64
CA ASP A 191 18.83 5.14 -11.65
C ASP A 191 18.10 4.95 -10.34
N ALA A 192 18.00 3.70 -9.88
CA ALA A 192 17.24 3.36 -8.67
C ALA A 192 18.17 2.86 -7.55
N ARG A 193 17.98 3.46 -6.37
CA ARG A 193 18.77 3.20 -5.17
C ARG A 193 17.89 2.66 -4.06
N ILE A 194 18.48 1.83 -3.21
CA ILE A 194 17.88 1.44 -1.93
C ILE A 194 18.84 1.91 -0.86
N ILE A 195 18.35 2.69 0.12
CA ILE A 195 19.18 3.21 1.21
C ILE A 195 18.63 2.60 2.50
N PRO A 196 19.41 2.64 3.58
CA PRO A 196 18.93 2.01 4.83
C PRO A 196 17.70 2.64 5.50
N SER A 197 17.36 3.85 5.07
CA SER A 197 16.21 4.59 5.60
C SER A 197 14.88 3.89 5.42
N GLY A 198 13.91 4.31 6.23
CA GLY A 198 12.53 3.94 6.02
C GLY A 198 11.81 4.84 5.04
N HIS A 199 10.53 5.07 5.31
CA HIS A 199 9.72 5.96 4.45
C HIS A 199 10.06 7.45 4.62
N ASP A 200 10.70 7.84 5.71
CA ASP A 200 11.10 9.22 5.92
C ASP A 200 12.29 9.54 5.01
N ILE A 201 12.41 10.82 4.67
CA ILE A 201 13.47 11.28 3.82
C ILE A 201 14.33 12.26 4.57
N GLY A 202 15.54 12.47 4.06
CA GLY A 202 16.52 13.25 4.81
C GLY A 202 17.83 13.47 4.08
N ASP A 203 18.89 13.69 4.84
CA ASP A 203 20.18 13.95 4.24
C ASP A 203 20.75 12.91 3.29
N PRO A 204 20.56 11.59 3.60
CA PRO A 204 20.98 10.60 2.61
C PRO A 204 20.32 10.76 1.23
N ASP A 205 19.06 11.16 1.20
CA ASP A 205 18.37 11.43 -0.06
C ASP A 205 18.97 12.60 -0.80
N ALA A 206 19.24 13.68 -0.07
CA ALA A 206 19.84 14.89 -0.65
C ALA A 206 21.22 14.60 -1.25
N ALA A 207 22.02 13.84 -0.53
CA ALA A 207 23.34 13.47 -1.02
C ALA A 207 23.26 12.72 -2.36
N ILE A 208 22.35 11.77 -2.45
CA ILE A 208 22.16 11.02 -3.68
C ILE A 208 21.63 11.89 -4.82
N VAL A 209 20.60 12.69 -4.58
CA VAL A 209 20.06 13.57 -5.65
C VAL A 209 21.18 14.50 -6.21
N ARG A 210 21.97 15.07 -5.32
CA ARG A 210 23.12 15.88 -5.70
C ARG A 210 24.10 15.17 -6.59
N GLN A 211 24.47 13.96 -6.16
N GLN A 211 24.51 13.97 -6.19
CA GLN A 211 25.38 13.06 -6.88
CA GLN A 211 25.44 13.21 -7.04
C GLN A 211 24.85 12.68 -8.28
C GLN A 211 24.81 12.86 -8.37
N TRP A 212 23.54 12.44 -8.35
CA TRP A 212 22.85 12.11 -9.59
C TRP A 212 22.80 13.32 -10.53
N LEU A 213 22.52 14.50 -9.97
CA LEU A 213 22.49 15.73 -10.75
C LEU A 213 23.88 16.06 -11.32
N ALA A 214 24.93 15.83 -10.53
CA ALA A 214 26.31 16.06 -10.95
C ALA A 214 26.73 15.11 -12.05
N GLY A 215 26.07 13.98 -12.21
CA GLY A 215 26.28 13.12 -13.37
C GLY A 215 27.49 12.23 -13.20
N PRO A 216 27.75 11.32 -14.19
CA PRO A 216 28.88 10.38 -14.07
C PRO A 216 30.22 11.02 -14.41
N GLY B 4 -33.59 0.96 19.16
CA GLY B 4 -33.17 -0.36 19.70
C GLY B 4 -32.99 -0.36 21.22
N ASP B 5 -32.33 -1.40 21.70
CA ASP B 5 -31.99 -1.57 23.12
C ASP B 5 -30.47 -1.91 23.16
N GLY B 6 -29.92 -2.27 24.34
CA GLY B 6 -28.50 -2.67 24.44
C GLY B 6 -28.24 -4.14 24.75
N ILE B 7 -29.06 -5.04 24.19
CA ILE B 7 -29.14 -6.48 24.58
C ILE B 7 -27.93 -7.35 24.16
N GLU B 8 -27.63 -7.42 22.86
CA GLU B 8 -26.51 -8.21 22.32
C GLU B 8 -25.15 -7.75 22.84
N ASN B 9 -24.30 -8.68 23.27
CA ASN B 9 -22.93 -8.34 23.64
C ASN B 9 -22.06 -8.09 22.43
N SER B 10 -22.35 -8.76 21.33
CA SER B 10 -21.52 -8.68 20.12
C SER B 10 -22.34 -8.44 18.86
N PRO B 11 -23.03 -7.29 18.80
CA PRO B 11 -23.81 -6.96 17.61
C PRO B 11 -22.92 -6.70 16.40
N LEU B 12 -23.52 -6.80 15.22
CA LEU B 12 -22.82 -6.46 14.00
C LEU B 12 -22.61 -4.93 13.99
N LEU B 13 -21.34 -4.52 14.00
CA LEU B 13 -20.98 -3.13 13.94
C LEU B 13 -20.69 -2.81 12.50
N THR B 14 -21.22 -1.69 12.02
CA THR B 14 -21.29 -1.43 10.60
C THR B 14 -20.72 -0.08 10.19
N ASP B 15 -20.10 0.64 11.11
CA ASP B 15 -19.55 1.95 10.72
C ASP B 15 -18.13 1.94 10.19
N LEU B 16 -17.42 0.82 10.26
CA LEU B 16 -16.11 0.73 9.61
C LEU B 16 -16.29 0.08 8.22
N ALA B 17 -15.19 -0.07 7.48
CA ALA B 17 -15.26 -0.44 6.07
C ALA B 17 -15.88 -1.83 5.84
N PHE B 18 -15.71 -2.71 6.83
CA PHE B 18 -16.27 -4.09 6.78
C PHE B 18 -17.19 -4.27 7.98
N PRO B 19 -18.33 -4.90 7.81
CA PRO B 19 -19.10 -5.21 9.01
C PRO B 19 -18.36 -6.22 9.88
N TYR B 20 -18.45 -6.11 11.20
CA TYR B 20 -17.82 -7.08 12.06
C TYR B 20 -18.50 -7.18 13.41
N ARG B 21 -18.22 -8.28 14.12
CA ARG B 21 -18.57 -8.44 15.51
C ARG B 21 -17.30 -8.56 16.33
N LEU B 22 -17.34 -8.04 17.53
CA LEU B 22 -16.19 -8.05 18.45
C LEU B 22 -16.59 -8.89 19.66
N LEU B 23 -15.94 -10.03 19.81
CA LEU B 23 -16.26 -11.00 20.87
C LEU B 23 -15.06 -11.19 21.78
N GLY B 24 -15.33 -11.47 23.07
CA GLY B 24 -14.30 -11.75 24.07
C GLY B 24 -13.40 -10.60 24.49
N ALA B 25 -13.79 -9.37 24.16
CA ALA B 25 -12.92 -8.19 24.38
C ALA B 25 -12.65 -7.88 25.85
N GLY B 26 -13.54 -8.35 26.74
CA GLY B 26 -13.37 -8.24 28.17
C GLY B 26 -12.70 -9.44 28.85
N LYS B 27 -12.34 -10.46 28.08
CA LYS B 27 -11.78 -11.66 28.66
C LYS B 27 -10.27 -11.51 28.79
N GLU B 28 -9.66 -12.48 29.45
CA GLU B 28 -8.35 -12.34 30.02
C GLU B 28 -7.18 -12.27 29.03
N SER B 29 -7.27 -12.96 27.92
CA SER B 29 -6.14 -13.02 27.00
C SER B 29 -5.84 -11.70 26.25
N ARG B 30 -4.54 -11.37 26.14
CA ARG B 30 -4.09 -10.26 25.29
C ARG B 30 -4.00 -10.66 23.82
N GLU B 31 -4.33 -11.91 23.51
CA GLU B 31 -4.34 -12.36 22.14
C GLU B 31 -5.65 -11.99 21.44
N CYS B 32 -5.54 -11.84 20.13
N CYS B 32 -5.55 -11.71 20.14
CA CYS B 32 -6.63 -11.53 19.25
CA CYS B 32 -6.73 -11.52 19.31
C CYS B 32 -6.59 -12.50 18.08
C CYS B 32 -6.61 -12.32 18.02
N LEU B 33 -7.75 -12.83 17.55
CA LEU B 33 -7.87 -13.50 16.25
C LEU B 33 -8.81 -12.69 15.33
N PHE B 34 -8.34 -12.36 14.14
CA PHE B 34 -9.22 -11.93 13.06
C PHE B 34 -9.72 -13.15 12.32
N LEU B 35 -11.03 -13.23 12.11
CA LEU B 35 -11.68 -14.39 11.46
C LEU B 35 -12.26 -13.94 10.13
N LEU B 36 -11.89 -14.66 9.07
CA LEU B 36 -12.39 -14.40 7.74
C LEU B 36 -13.01 -15.69 7.19
N HIS B 37 -14.34 -15.69 7.09
CA HIS B 37 -15.22 -16.82 6.72
C HIS B 37 -15.03 -17.26 5.25
N GLY B 38 -15.44 -18.48 4.95
CA GLY B 38 -15.53 -18.93 3.57
C GLY B 38 -16.67 -18.26 2.80
N SER B 39 -16.69 -18.48 1.50
CA SER B 39 -17.68 -17.81 0.67
C SER B 39 -19.06 -18.45 0.87
N GLY B 40 -20.11 -17.63 0.72
CA GLY B 40 -21.48 -18.07 0.81
C GLY B 40 -22.07 -18.08 2.20
N VAL B 41 -21.28 -17.73 3.21
CA VAL B 41 -21.71 -17.74 4.65
C VAL B 41 -21.32 -16.40 5.29
N ASP B 42 -21.48 -16.28 6.61
CA ASP B 42 -21.17 -15.00 7.25
C ASP B 42 -20.20 -15.10 8.41
N GLU B 43 -20.05 -13.97 9.13
CA GLU B 43 -19.03 -13.80 10.15
C GLU B 43 -19.24 -14.59 11.44
N THR B 44 -20.40 -15.19 11.60
CA THR B 44 -20.67 -16.04 12.76
C THR B 44 -20.06 -17.44 12.60
N THR B 45 -19.70 -17.82 11.37
CA THR B 45 -19.38 -19.22 11.09
C THR B 45 -18.07 -19.76 11.65
N LEU B 46 -17.04 -18.93 11.79
CA LEU B 46 -15.79 -19.37 12.38
C LEU B 46 -15.72 -19.16 13.87
N VAL B 47 -16.77 -18.62 14.47
CA VAL B 47 -16.70 -18.33 15.90
C VAL B 47 -16.60 -19.61 16.76
N PRO B 48 -17.41 -20.64 16.49
CA PRO B 48 -17.19 -21.87 17.24
C PRO B 48 -15.78 -22.46 17.14
N LEU B 49 -15.18 -22.46 15.94
CA LEU B 49 -13.80 -22.93 15.80
C LEU B 49 -12.87 -22.05 16.62
N ALA B 50 -13.03 -20.72 16.52
CA ALA B 50 -12.17 -19.80 17.27
C ALA B 50 -12.20 -20.05 18.77
N ARG B 51 -13.39 -20.31 19.31
N ARG B 51 -13.40 -20.29 19.31
CA ARG B 51 -13.59 -20.56 20.74
CA ARG B 51 -13.55 -20.54 20.75
C ARG B 51 -12.85 -21.81 21.19
C ARG B 51 -12.81 -21.81 21.18
N ARG B 52 -12.79 -22.81 20.32
CA ARG B 52 -12.04 -24.04 20.61
C ARG B 52 -10.54 -23.82 20.59
N ILE B 53 -10.08 -22.96 19.69
CA ILE B 53 -8.68 -22.59 19.57
C ILE B 53 -8.20 -21.71 20.72
N ALA B 54 -8.95 -20.66 21.04
CA ALA B 54 -8.52 -19.64 22.00
C ALA B 54 -9.76 -19.04 22.67
N PRO B 55 -10.33 -19.77 23.66
CA PRO B 55 -11.64 -19.39 24.28
C PRO B 55 -11.66 -18.02 24.98
N THR B 56 -10.50 -17.45 25.31
CA THR B 56 -10.43 -16.12 25.94
C THR B 56 -9.82 -15.00 25.08
N ALA B 57 -9.50 -15.31 23.82
CA ALA B 57 -8.98 -14.33 22.87
C ALA B 57 -10.09 -13.36 22.44
N THR B 58 -9.69 -12.15 22.14
CA THR B 58 -10.57 -11.20 21.50
C THR B 58 -10.72 -11.64 20.06
N LEU B 59 -11.96 -11.73 19.58
CA LEU B 59 -12.24 -12.13 18.21
C LEU B 59 -12.83 -10.97 17.40
N VAL B 60 -12.22 -10.69 16.25
CA VAL B 60 -12.78 -9.76 15.26
C VAL B 60 -13.38 -10.61 14.19
N ALA B 61 -14.69 -10.82 14.21
CA ALA B 61 -15.37 -11.66 13.23
C ALA B 61 -15.91 -10.77 12.11
N ALA B 62 -15.12 -10.64 11.03
CA ALA B 62 -15.44 -9.73 9.92
C ALA B 62 -16.29 -10.40 8.81
N ARG B 63 -17.08 -9.60 8.11
CA ARG B 63 -17.95 -10.07 7.05
C ARG B 63 -17.44 -9.52 5.72
N GLY B 64 -17.44 -10.35 4.69
CA GLY B 64 -17.09 -9.90 3.33
C GLY B 64 -18.10 -8.91 2.76
N ARG B 65 -17.68 -8.13 1.78
CA ARG B 65 -18.51 -7.04 1.27
C ARG B 65 -19.32 -7.42 0.06
N ILE B 66 -19.09 -8.60 -0.49
CA ILE B 66 -19.81 -9.03 -1.67
C ILE B 66 -20.85 -10.06 -1.27
N PRO B 67 -22.13 -9.79 -1.57
CA PRO B 67 -23.14 -10.81 -1.33
C PRO B 67 -22.94 -12.10 -2.15
N GLN B 68 -23.21 -13.23 -1.53
CA GLN B 68 -23.22 -14.52 -2.21
C GLN B 68 -24.36 -15.35 -1.63
N GLU B 69 -25.48 -15.42 -2.37
CA GLU B 69 -26.69 -16.08 -1.89
C GLU B 69 -27.05 -15.48 -0.55
N ASP B 70 -27.12 -16.27 0.53
CA ASP B 70 -27.51 -15.75 1.84
C ASP B 70 -26.31 -15.30 2.68
N GLY B 71 -25.12 -15.47 2.15
CA GLY B 71 -23.91 -15.02 2.84
C GLY B 71 -23.17 -14.03 1.97
N PHE B 72 -21.85 -14.13 2.07
CA PHE B 72 -20.90 -13.13 1.61
C PHE B 72 -19.61 -13.81 1.15
N ARG B 73 -18.83 -13.08 0.38
CA ARG B 73 -17.53 -13.52 -0.08
C ARG B 73 -16.62 -12.30 -0.04
N TRP B 74 -15.34 -12.54 -0.17
CA TRP B 74 -14.30 -11.53 0.01
C TRP B 74 -13.85 -10.83 -1.28
N PHE B 75 -13.84 -11.56 -2.39
CA PHE B 75 -13.52 -11.00 -3.69
C PHE B 75 -14.15 -11.84 -4.75
N GLU B 76 -14.28 -11.28 -5.95
CA GLU B 76 -15.06 -11.91 -7.02
C GLU B 76 -14.32 -13.08 -7.66
N ARG B 77 -15.11 -14.02 -8.15
CA ARG B 77 -14.62 -15.23 -8.77
C ARG B 77 -14.92 -15.24 -10.27
N ILE B 78 -13.97 -15.74 -11.07
CA ILE B 78 -14.20 -15.97 -12.50
C ILE B 78 -14.68 -17.40 -12.77
N ASP B 79 -14.01 -18.39 -12.16
CA ASP B 79 -14.42 -19.79 -12.25
C ASP B 79 -13.83 -20.45 -10.97
N PRO B 80 -14.13 -21.74 -10.74
CA PRO B 80 -13.77 -22.35 -9.46
C PRO B 80 -12.32 -22.16 -8.97
N THR B 81 -11.36 -22.00 -9.88
CA THR B 81 -9.94 -21.84 -9.48
C THR B 81 -9.27 -20.55 -10.03
N ARG B 82 -10.08 -19.60 -10.51
CA ARG B 82 -9.60 -18.30 -11.01
C ARG B 82 -10.45 -17.11 -10.49
N PHE B 83 -9.77 -16.08 -10.03
CA PHE B 83 -10.38 -14.98 -9.31
C PHE B 83 -10.05 -13.66 -10.00
N GLU B 84 -10.94 -12.67 -9.83
N GLU B 84 -10.93 -12.66 -9.84
CA GLU B 84 -10.79 -11.33 -10.46
CA GLU B 84 -10.78 -11.34 -10.48
C GLU B 84 -9.73 -10.53 -9.73
C GLU B 84 -9.72 -10.54 -9.73
N GLN B 85 -8.67 -10.17 -10.45
CA GLN B 85 -7.51 -9.54 -9.85
C GLN B 85 -7.82 -8.16 -9.29
N LYS B 86 -8.59 -7.38 -10.02
CA LYS B 86 -8.99 -6.07 -9.55
C LYS B 86 -9.78 -6.15 -8.27
N SER B 87 -10.69 -7.14 -8.18
CA SER B 87 -11.45 -7.41 -6.94
C SER B 87 -10.55 -7.79 -5.75
N ILE B 88 -9.60 -8.69 -5.97
CA ILE B 88 -8.61 -9.02 -4.93
C ILE B 88 -7.89 -7.74 -4.43
N LEU B 89 -7.38 -6.95 -5.36
CA LEU B 89 -6.59 -5.80 -4.98
C LEU B 89 -7.46 -4.76 -4.21
N ALA B 90 -8.67 -4.48 -4.71
CA ALA B 90 -9.55 -3.52 -4.09
C ALA B 90 -9.96 -3.94 -2.68
N GLU B 91 -10.40 -5.19 -2.57
CA GLU B 91 -10.92 -5.69 -1.28
C GLU B 91 -9.83 -5.89 -0.23
N THR B 92 -8.66 -6.32 -0.69
N THR B 92 -8.63 -6.28 -0.65
CA THR B 92 -7.54 -6.53 0.20
CA THR B 92 -7.53 -6.51 0.28
C THR B 92 -7.11 -5.17 0.79
C THR B 92 -7.00 -5.16 0.81
N ALA B 93 -6.96 -4.15 -0.07
CA ALA B 93 -6.56 -2.81 0.35
C ALA B 93 -7.59 -2.23 1.33
N ALA B 94 -8.87 -2.40 1.05
CA ALA B 94 -9.91 -1.99 1.98
C ALA B 94 -9.75 -2.68 3.33
N PHE B 95 -9.45 -3.98 3.31
CA PHE B 95 -9.35 -4.79 4.52
C PHE B 95 -8.11 -4.38 5.33
N ALA B 96 -7.02 -4.05 4.65
CA ALA B 96 -5.81 -3.51 5.29
C ALA B 96 -6.11 -2.26 6.15
N ALA B 97 -6.81 -1.31 5.53
CA ALA B 97 -7.23 -0.09 6.19
C ALA B 97 -8.20 -0.38 7.35
N PHE B 98 -9.17 -1.26 7.10
CA PHE B 98 -10.08 -1.78 8.14
C PHE B 98 -9.38 -2.36 9.38
N THR B 99 -8.36 -3.19 9.16
N THR B 99 -8.35 -3.18 9.18
CA THR B 99 -7.58 -3.82 10.24
CA THR B 99 -7.62 -3.80 10.31
C THR B 99 -6.94 -2.76 11.13
C THR B 99 -6.96 -2.73 11.16
N ASN B 100 -6.35 -1.74 10.51
CA ASN B 100 -5.76 -0.65 11.25
C ASN B 100 -6.82 0.20 12.02
N GLU B 101 -7.96 0.49 11.41
N GLU B 101 -7.96 0.48 11.39
CA GLU B 101 -9.03 1.25 12.11
CA GLU B 101 -9.05 1.21 12.06
C GLU B 101 -9.66 0.44 13.25
C GLU B 101 -9.59 0.43 13.25
N ALA B 102 -9.86 -0.86 13.02
CA ALA B 102 -10.41 -1.73 14.05
C ALA B 102 -9.44 -1.88 15.23
N ALA B 103 -8.15 -1.96 14.91
CA ALA B 103 -7.12 -2.15 15.93
C ALA B 103 -7.01 -0.90 16.77
N LYS B 104 -7.05 0.26 16.12
CA LYS B 104 -7.02 1.55 16.84
C LYS B 104 -8.25 1.71 17.74
N ARG B 105 -9.42 1.40 17.19
CA ARG B 105 -10.67 1.52 17.89
C ARG B 105 -10.77 0.65 19.16
N HIS B 106 -10.28 -0.57 19.08
CA HIS B 106 -10.52 -1.52 20.15
C HIS B 106 -9.24 -1.85 20.94
N GLY B 107 -8.17 -1.11 20.65
CA GLY B 107 -6.87 -1.37 21.27
C GLY B 107 -6.27 -2.72 20.98
N LEU B 108 -6.45 -3.21 19.76
CA LEU B 108 -5.90 -4.51 19.41
C LEU B 108 -4.41 -4.38 19.10
N ASN B 109 -3.62 -5.24 19.72
CA ASN B 109 -2.18 -5.28 19.52
C ASN B 109 -1.88 -6.29 18.42
N LEU B 110 -1.50 -5.77 17.26
CA LEU B 110 -1.28 -6.61 16.10
C LEU B 110 -0.04 -7.51 16.23
N ASP B 111 0.84 -7.18 17.15
CA ASP B 111 1.87 -8.14 17.60
C ASP B 111 1.33 -9.38 18.28
N HIS B 112 0.09 -9.34 18.79
CA HIS B 112 -0.54 -10.51 19.41
C HIS B 112 -1.77 -10.96 18.64
N ALA B 113 -1.82 -10.69 17.35
CA ALA B 113 -2.98 -11.01 16.55
C ALA B 113 -2.63 -12.17 15.60
N THR B 114 -3.59 -13.04 15.41
CA THR B 114 -3.55 -14.07 14.37
C THR B 114 -4.68 -13.85 13.37
N PHE B 115 -4.33 -13.88 12.09
CA PHE B 115 -5.33 -13.79 11.06
C PHE B 115 -5.69 -15.20 10.59
N LEU B 116 -6.93 -15.61 10.84
N LEU B 116 -6.90 -15.63 10.90
CA LEU B 116 -7.38 -16.97 10.56
CA LEU B 116 -7.35 -16.94 10.51
C LEU B 116 -8.48 -16.95 9.51
C LEU B 116 -8.38 -16.79 9.43
N GLY B 117 -8.18 -17.50 8.33
CA GLY B 117 -9.14 -17.51 7.24
C GLY B 117 -9.43 -18.89 6.74
N TYR B 118 -10.62 -19.03 6.24
CA TYR B 118 -11.08 -20.27 5.58
C TYR B 118 -11.39 -20.03 4.12
N SER B 119 -10.68 -20.76 3.25
CA SER B 119 -10.93 -20.89 1.82
C SER B 119 -10.83 -19.47 1.23
N ASN B 120 -11.90 -18.88 0.72
CA ASN B 120 -11.85 -17.51 0.18
C ASN B 120 -11.26 -16.51 1.18
N GLY B 121 -11.66 -16.65 2.44
CA GLY B 121 -11.11 -15.82 3.51
C GLY B 121 -9.64 -16.02 3.75
N ALA B 122 -9.18 -17.27 3.66
CA ALA B 122 -7.74 -17.59 3.76
C ALA B 122 -6.95 -16.90 2.62
N ASN B 123 -7.58 -16.81 1.46
CA ASN B 123 -6.96 -16.25 0.25
C ASN B 123 -6.94 -14.69 0.30
N LEU B 124 -7.91 -14.12 1.02
CA LEU B 124 -7.84 -12.69 1.40
C LEU B 124 -6.59 -12.51 2.25
N VAL B 125 -6.46 -13.30 3.32
CA VAL B 125 -5.33 -13.18 4.25
C VAL B 125 -3.96 -13.31 3.57
N SER B 126 -3.79 -14.32 2.72
CA SER B 126 -2.50 -14.48 2.04
C SER B 126 -2.20 -13.26 1.15
N SER B 127 -3.22 -12.76 0.47
CA SER B 127 -3.11 -11.58 -0.41
C SER B 127 -2.79 -10.35 0.43
N LEU B 128 -3.38 -10.25 1.62
CA LEU B 128 -3.06 -9.17 2.57
C LEU B 128 -1.58 -9.18 2.95
N LEU B 130 0.98 -10.40 1.23
CA LEU B 130 1.81 -10.13 0.05
C LEU B 130 1.66 -8.71 -0.49
N LEU B 131 0.46 -8.16 -0.40
CA LEU B 131 0.15 -6.82 -0.94
C LEU B 131 0.28 -5.70 0.09
N HIS B 132 0.11 -6.05 1.39
CA HIS B 132 0.13 -5.06 2.48
C HIS B 132 1.01 -5.51 3.66
N PRO B 133 2.33 -5.64 3.43
CA PRO B 133 3.23 -6.10 4.49
C PRO B 133 3.24 -5.08 5.61
N GLY B 134 3.49 -5.53 6.84
CA GLY B 134 3.51 -4.65 7.97
C GLY B 134 2.29 -4.78 8.86
N ILE B 135 1.32 -5.58 8.46
CA ILE B 135 0.10 -5.73 9.27
C ILE B 135 0.03 -7.12 9.94
N VAL B 136 0.11 -8.18 9.12
CA VAL B 136 0.02 -9.55 9.63
C VAL B 136 1.36 -10.01 10.21
N ARG B 137 1.33 -10.56 11.43
CA ARG B 137 2.49 -11.25 12.05
C ARG B 137 2.29 -12.79 12.19
N LEU B 138 1.04 -13.25 12.21
CA LEU B 138 0.70 -14.65 12.37
C LEU B 138 -0.51 -14.90 11.53
N ALA B 139 -0.49 -15.98 10.72
CA ALA B 139 -1.59 -16.31 9.85
C ALA B 139 -1.86 -17.80 9.89
N ALA B 140 -3.14 -18.15 9.91
CA ALA B 140 -3.59 -19.54 9.80
C ALA B 140 -4.54 -19.66 8.63
N LEU B 141 -4.14 -20.45 7.63
CA LEU B 141 -4.85 -20.53 6.35
C LEU B 141 -5.42 -21.92 6.17
N LEU B 142 -6.76 -22.05 6.28
CA LEU B 142 -7.48 -23.30 6.14
C LEU B 142 -8.01 -23.44 4.72
N ARG B 143 -7.56 -24.52 4.05
CA ARG B 143 -7.90 -24.81 2.65
C ARG B 143 -7.67 -23.67 1.66
N PRO B 144 -6.45 -23.11 1.66
CA PRO B 144 -6.12 -21.99 0.80
C PRO B 144 -5.57 -22.41 -0.57
N PRO B 146 -3.12 -20.39 -4.12
CA PRO B 146 -2.70 -19.13 -4.71
C PRO B 146 -3.81 -18.53 -5.58
N VAL B 147 -3.94 -17.20 -5.48
CA VAL B 147 -4.95 -16.45 -6.18
C VAL B 147 -4.42 -15.20 -6.94
N LEU B 148 -3.23 -14.68 -6.61
CA LEU B 148 -2.73 -13.45 -7.25
C LEU B 148 -1.86 -13.72 -8.47
N ASP B 149 -2.15 -13.04 -9.57
CA ASP B 149 -1.32 -13.19 -10.76
C ASP B 149 0.03 -12.54 -10.59
N HIS B 150 0.06 -11.37 -9.97
CA HIS B 150 1.28 -10.59 -9.79
C HIS B 150 1.46 -10.32 -8.31
N VAL B 151 2.66 -10.56 -7.83
CA VAL B 151 2.96 -10.46 -6.42
C VAL B 151 4.06 -9.43 -6.32
N PRO B 152 3.91 -8.44 -5.44
CA PRO B 152 5.01 -7.51 -5.26
C PRO B 152 6.31 -8.18 -4.71
N ALA B 153 7.37 -7.38 -4.61
CA ALA B 153 8.68 -7.88 -4.15
C ALA B 153 8.71 -7.93 -2.62
N THR B 154 7.80 -8.70 -2.06
CA THR B 154 7.55 -8.67 -0.62
C THR B 154 8.43 -9.70 0.11
N ASP B 155 9.12 -9.23 1.13
CA ASP B 155 9.88 -10.08 2.06
C ASP B 155 9.07 -10.13 3.33
N LEU B 156 8.42 -11.28 3.54
CA LEU B 156 7.54 -11.52 4.69
C LEU B 156 8.30 -11.60 6.01
N ALA B 157 9.62 -11.59 5.93
CA ALA B 157 10.48 -11.40 7.09
C ALA B 157 10.19 -12.40 8.20
N GLY B 158 9.95 -13.64 7.84
CA GLY B 158 9.87 -14.70 8.82
C GLY B 158 8.58 -14.82 9.58
N ILE B 159 7.53 -14.10 9.16
CA ILE B 159 6.22 -14.30 9.80
C ILE B 159 5.76 -15.75 9.68
N ARG B 160 5.20 -16.24 10.77
CA ARG B 160 4.72 -17.61 10.83
C ARG B 160 3.35 -17.78 10.21
N THR B 161 3.26 -18.73 9.28
N THR B 161 3.28 -18.68 9.23
CA THR B 161 2.06 -18.99 8.49
CA THR B 161 2.06 -18.99 8.52
C THR B 161 1.76 -20.48 8.50
C THR B 161 1.85 -20.50 8.71
N LEU B 162 0.66 -20.85 9.17
CA LEU B 162 0.16 -22.21 9.21
C LEU B 162 -0.78 -22.43 8.03
N ILE B 163 -0.63 -23.56 7.34
CA ILE B 163 -1.54 -23.93 6.26
C ILE B 163 -2.06 -25.32 6.57
N ILE B 164 -3.37 -25.49 6.46
CA ILE B 164 -3.98 -26.82 6.60
C ILE B 164 -4.76 -27.20 5.34
N ALA B 165 -4.23 -28.20 4.62
CA ALA B 165 -4.87 -28.81 3.44
C ALA B 165 -5.68 -30.00 3.87
N GLY B 166 -6.77 -30.25 3.14
CA GLY B 166 -7.50 -31.49 3.28
C GLY B 166 -7.08 -32.50 2.22
N ALA B 167 -6.74 -33.70 2.67
CA ALA B 167 -6.41 -34.83 1.76
C ALA B 167 -7.55 -35.19 0.84
N ALA B 168 -8.77 -34.98 1.31
CA ALA B 168 -9.95 -35.31 0.53
C ALA B 168 -10.55 -34.07 -0.17
N ASP B 169 -9.81 -32.96 -0.19
CA ASP B 169 -10.23 -31.72 -0.81
C ASP B 169 -9.76 -31.82 -2.26
N GLU B 170 -10.64 -32.37 -3.10
CA GLU B 170 -10.30 -32.68 -4.48
C GLU B 170 -9.97 -31.46 -5.34
N THR B 171 -10.76 -30.40 -5.24
CA THR B 171 -10.56 -29.20 -6.12
C THR B 171 -9.38 -28.38 -5.70
N TYR B 172 -9.28 -28.15 -4.41
CA TYR B 172 -8.29 -27.18 -3.89
C TYR B 172 -7.03 -27.78 -3.31
N GLY B 173 -7.09 -29.02 -2.85
CA GLY B 173 -5.90 -29.65 -2.26
C GLY B 173 -4.62 -29.60 -3.10
N PRO B 174 -4.73 -29.80 -4.44
CA PRO B 174 -3.54 -29.78 -5.32
C PRO B 174 -2.64 -28.53 -5.24
N PHE B 175 -3.20 -27.42 -4.81
CA PHE B 175 -2.55 -26.10 -4.95
C PHE B 175 -1.80 -25.74 -3.70
N VAL B 176 -1.94 -26.57 -2.66
CA VAL B 176 -1.27 -26.23 -1.42
C VAL B 176 0.26 -26.21 -1.54
N PRO B 177 0.90 -27.19 -2.19
CA PRO B 177 2.36 -27.12 -2.42
C PRO B 177 2.84 -25.85 -3.09
N ALA B 178 2.11 -25.40 -4.13
CA ALA B 178 2.43 -24.11 -4.80
C ALA B 178 2.39 -22.93 -3.82
N LEU B 179 1.41 -22.92 -2.91
CA LEU B 179 1.28 -21.85 -1.94
C LEU B 179 2.42 -21.94 -0.94
N VAL B 180 2.75 -23.15 -0.50
CA VAL B 180 3.92 -23.34 0.39
C VAL B 180 5.19 -22.79 -0.26
N THR B 181 5.38 -23.13 -1.52
CA THR B 181 6.54 -22.66 -2.26
C THR B 181 6.50 -21.14 -2.39
N LEU B 182 5.34 -20.58 -2.75
CA LEU B 182 5.19 -19.12 -2.82
C LEU B 182 5.53 -18.38 -1.55
N LEU B 183 4.90 -18.77 -0.46
CA LEU B 183 5.15 -18.06 0.76
C LEU B 183 6.59 -18.26 1.29
N SER B 184 7.12 -19.47 1.14
N SER B 184 7.15 -19.45 1.13
CA SER B 184 8.51 -19.81 1.49
CA SER B 184 8.53 -19.74 1.54
C SER B 184 9.46 -18.90 0.74
C SER B 184 9.54 -18.95 0.73
N ARG B 185 9.30 -18.83 -0.58
CA ARG B 185 10.14 -17.93 -1.38
C ARG B 185 10.01 -16.48 -1.05
N HIS B 186 8.94 -16.05 -0.36
CA HIS B 186 8.79 -14.66 0.02
C HIS B 186 9.17 -14.45 1.47
N GLY B 187 9.85 -15.44 2.07
CA GLY B 187 10.47 -15.30 3.38
C GLY B 187 9.60 -15.66 4.60
N ALA B 188 8.44 -16.26 4.39
CA ALA B 188 7.61 -16.71 5.54
C ALA B 188 8.18 -17.99 6.14
N GLU B 189 7.91 -18.20 7.43
CA GLU B 189 8.11 -19.47 8.08
C GLU B 189 6.81 -20.27 7.97
N VAL B 190 6.81 -21.25 7.10
CA VAL B 190 5.61 -21.96 6.75
C VAL B 190 5.56 -23.28 7.55
N ASP B 191 4.41 -23.55 8.14
CA ASP B 191 4.09 -24.86 8.68
C ASP B 191 2.86 -25.36 7.94
N ALA B 192 3.02 -26.34 7.04
CA ALA B 192 1.90 -26.85 6.27
C ALA B 192 1.59 -28.31 6.59
N ARG B 193 0.30 -28.57 6.78
CA ARG B 193 -0.23 -29.87 7.10
C ARG B 193 -1.20 -30.29 6.05
N ILE B 194 -1.31 -31.61 5.92
CA ILE B 194 -2.41 -32.27 5.24
C ILE B 194 -3.11 -33.11 6.26
N ILE B 195 -4.43 -32.94 6.39
CA ILE B 195 -5.21 -33.74 7.32
C ILE B 195 -6.21 -34.54 6.49
N PRO B 196 -6.74 -35.62 7.05
CA PRO B 196 -7.67 -36.51 6.34
C PRO B 196 -8.98 -35.87 5.83
N SER B 197 -9.31 -34.69 6.32
CA SER B 197 -10.54 -33.99 5.96
C SER B 197 -10.66 -33.61 4.48
N GLY B 198 -11.89 -33.33 4.06
CA GLY B 198 -12.15 -32.70 2.77
C GLY B 198 -12.00 -31.18 2.85
N HIS B 199 -12.79 -30.49 2.05
CA HIS B 199 -12.79 -29.02 2.07
C HIS B 199 -13.43 -28.44 3.32
N ASP B 200 -14.29 -29.21 3.97
CA ASP B 200 -14.90 -28.76 5.23
C ASP B 200 -13.86 -28.72 6.35
N ILE B 201 -14.08 -27.79 7.27
CA ILE B 201 -13.22 -27.63 8.44
C ILE B 201 -13.99 -28.01 9.72
N GLY B 202 -13.24 -28.29 10.77
CA GLY B 202 -13.79 -28.71 12.05
C GLY B 202 -12.79 -28.84 13.17
N ASP B 203 -13.10 -29.69 14.13
CA ASP B 203 -12.24 -29.81 15.32
C ASP B 203 -10.80 -30.19 15.03
N PRO B 204 -10.54 -31.08 14.05
CA PRO B 204 -9.10 -31.35 13.69
C PRO B 204 -8.28 -30.12 13.31
N ASP B 205 -8.91 -29.19 12.61
CA ASP B 205 -8.29 -27.89 12.30
C ASP B 205 -8.03 -27.10 13.55
N ALA B 206 -9.02 -27.04 14.45
CA ALA B 206 -8.85 -26.32 15.72
C ALA B 206 -7.69 -26.88 16.56
N ALA B 207 -7.57 -28.20 16.60
CA ALA B 207 -6.51 -28.84 17.37
C ALA B 207 -5.12 -28.42 16.85
N ILE B 208 -4.97 -28.38 15.53
CA ILE B 208 -3.67 -28.04 14.93
C ILE B 208 -3.31 -26.56 15.15
N VAL B 209 -4.29 -25.69 14.93
CA VAL B 209 -4.08 -24.24 15.18
C VAL B 209 -3.64 -23.99 16.64
N ARG B 210 -4.30 -24.66 17.58
N ARG B 210 -4.36 -24.57 17.59
CA ARG B 210 -3.94 -24.64 19.01
CA ARG B 210 -4.09 -24.39 19.01
C ARG B 210 -2.50 -25.15 19.23
C ARG B 210 -2.63 -24.77 19.32
N GLN B 211 -2.14 -26.26 18.62
N GLN B 211 -2.22 -25.96 18.87
CA GLN B 211 -0.80 -26.82 18.77
CA GLN B 211 -0.84 -26.44 19.07
C GLN B 211 0.25 -25.85 18.19
C GLN B 211 0.18 -25.60 18.32
N TRP B 212 -0.10 -25.23 17.07
CA TRP B 212 0.79 -24.30 16.36
C TRP B 212 0.99 -23.00 17.15
N LEU B 213 -0.09 -22.46 17.71
CA LEU B 213 -0.02 -21.27 18.56
C LEU B 213 0.79 -21.53 19.82
N ALA B 214 0.73 -22.73 20.36
CA ALA B 214 1.47 -23.07 21.57
C ALA B 214 2.98 -23.21 21.33
N GLY B 215 3.40 -23.41 20.08
CA GLY B 215 4.83 -23.44 19.74
C GLY B 215 5.43 -24.84 19.91
N PRO B 216 6.73 -24.99 19.53
CA PRO B 216 7.49 -26.29 19.54
C PRO B 216 7.47 -27.07 20.85
#